data_9LFJ
#
_entry.id   9LFJ
#
_cell.length_a   74.450
_cell.length_b   115.080
_cell.length_c   46.300
_cell.angle_alpha   90.00
_cell.angle_beta   90.00
_cell.angle_gamma   90.00
#
_symmetry.space_group_name_H-M   'P 21 21 2'
#
loop_
_entity.id
_entity.type
_entity.pdbx_description
1 polymer 'SN-glycerol-3-phophate ABC transporter, periplasmic SN-glycerol-3-phosphate-binding protein'
2 non-polymer SN-GLYCEROL-3-PHOSPHATE
3 water water
#
_entity_poly.entity_id   1
_entity_poly.type   'polypeptide(L)'
_entity_poly.pdbx_seq_one_letter_code
;MGSSHHHHHHSSGLVPRGSHMSIKSLLCTSAILASTAGVAFAETEVQWWHAMGGANGERVNKIAEDFNATQSEYKVVPVY
KGNYTETMTAAIAAFRAKEHPQIVQVFEVGTATMMAAKGAIYPVEKLMNDAGEAFDGDAFLPAVVSYYETPEGELLSMPF
NSSTPVMWYNKTALDAAGASVPTTWDEVKETAQKLVDNGMDCGVSFGWQSWVMVENFSAWHNIGMGTKENGFAGFDTEFS
FNNEAVAARLDGIAAMSEGNLFKYGGRRGDSLPMFTNGECGMWMNSSAYYGSIKSQAEFEFGQTMLPLDTSVADAPQNSI
IGGATLWVLAGHDEEEYKGTAQFLTYLSSPEVQAWWHQETGYVPITTAAYELSKEQGFYESNPGTDTAIQQLSLNTPTPN
SRGLRFGNFVQVRDVINEELEAVWAGDKSATDALNAAAERGNTLLRKFERSAK
;
_entity_poly.pdbx_strand_id   A
#
loop_
_chem_comp.id
_chem_comp.type
_chem_comp.name
_chem_comp.formula
G3P non-polymer SN-GLYCEROL-3-PHOSPHATE 'C3 H9 O6 P'
#
# COMPACT_ATOMS: atom_id res chain seq x y z
N GLU A 43 7.59 26.81 -21.77
CA GLU A 43 6.73 25.80 -21.13
C GLU A 43 6.49 26.05 -19.66
N THR A 44 5.28 25.70 -19.22
CA THR A 44 4.90 25.77 -17.82
C THR A 44 5.21 24.44 -17.15
N GLU A 45 5.96 24.50 -16.06
CA GLU A 45 6.39 23.29 -15.35
C GLU A 45 5.34 22.87 -14.32
N VAL A 46 5.17 21.55 -14.21
CA VAL A 46 4.29 20.93 -13.24
C VAL A 46 5.18 20.05 -12.38
N GLN A 47 5.44 20.49 -11.14
CA GLN A 47 6.26 19.71 -10.23
C GLN A 47 5.43 18.62 -9.56
N TRP A 48 5.96 17.39 -9.60
CA TRP A 48 5.30 16.22 -9.03
C TRP A 48 6.27 15.58 -8.05
N TRP A 49 6.00 15.74 -6.75
CA TRP A 49 6.84 15.14 -5.73
C TRP A 49 6.27 13.77 -5.38
N HIS A 50 7.14 12.76 -5.38
CA HIS A 50 6.68 11.40 -5.21
C HIS A 50 7.70 10.59 -4.45
N ALA A 51 7.28 9.39 -4.04
CA ALA A 51 8.06 8.51 -3.19
C ALA A 51 8.42 7.21 -3.89
N MET A 52 8.34 7.16 -5.21
CA MET A 52 8.60 5.94 -5.96
C MET A 52 10.09 5.82 -6.20
N GLY A 53 10.72 4.83 -5.56
CA GLY A 53 12.12 4.56 -5.75
C GLY A 53 12.33 3.33 -6.62
N GLY A 54 13.61 2.99 -6.80
CA GLY A 54 13.98 1.77 -7.49
C GLY A 54 13.37 1.68 -8.87
N ALA A 55 12.96 0.47 -9.24
CA ALA A 55 12.41 0.22 -10.57
C ALA A 55 11.14 1.05 -10.82
N ASN A 56 10.24 1.09 -9.83
CA ASN A 56 8.99 1.84 -10.04
C ASN A 56 9.25 3.32 -10.24
N GLY A 57 10.28 3.88 -9.65
CA GLY A 57 10.63 5.27 -9.86
C GLY A 57 11.09 5.57 -11.27
N GLU A 58 11.78 4.62 -11.86
CA GLU A 58 12.18 4.79 -13.26
C GLU A 58 10.93 4.80 -14.14
N ARG A 59 9.94 4.05 -13.78
CA ARG A 59 8.70 4.06 -14.52
C ARG A 59 7.96 5.41 -14.38
N VAL A 60 7.98 6.00 -13.18
CA VAL A 60 7.40 7.33 -13.02
C VAL A 60 8.05 8.32 -13.99
N ASN A 61 9.37 8.27 -14.08
CA ASN A 61 10.06 9.20 -14.97
C ASN A 61 9.73 8.94 -16.43
N LYS A 62 9.51 7.68 -16.80
CA LYS A 62 9.09 7.37 -18.17
C LYS A 62 7.69 7.91 -18.47
N ILE A 63 6.77 7.78 -17.51
CA ILE A 63 5.41 8.31 -17.69
C ILE A 63 5.42 9.82 -17.86
N ALA A 64 6.13 10.52 -16.98
CA ALA A 64 6.18 11.98 -17.07
C ALA A 64 6.76 12.41 -18.42
N GLU A 65 7.86 11.77 -18.83
CA GLU A 65 8.51 12.18 -20.08
C GLU A 65 7.66 11.84 -21.30
N ASP A 66 6.96 10.71 -21.28
CA ASP A 66 6.02 10.40 -22.37
C ASP A 66 4.97 11.49 -22.51
N PHE A 67 4.36 11.92 -21.39
CA PHE A 67 3.44 13.05 -21.46
C PHE A 67 4.12 14.31 -22.00
N ASN A 68 5.33 14.60 -21.52
CA ASN A 68 6.07 15.78 -21.99
C ASN A 68 6.32 15.73 -23.50
N ALA A 69 6.48 14.53 -24.06
CA ALA A 69 6.76 14.44 -25.48
C ALA A 69 5.50 14.55 -26.35
N THR A 70 4.30 14.42 -25.78
CA THR A 70 3.04 14.43 -26.54
C THR A 70 2.50 15.81 -26.82
N GLN A 71 3.00 16.85 -26.15
CA GLN A 71 2.52 18.21 -26.34
C GLN A 71 3.65 19.15 -25.97
N SER A 72 3.48 20.43 -26.30
CA SER A 72 4.58 21.37 -26.20
C SER A 72 4.30 22.53 -25.24
N GLU A 73 3.30 22.40 -24.36
CA GLU A 73 2.90 23.49 -23.47
C GLU A 73 3.29 23.27 -22.02
N TYR A 74 3.28 22.01 -21.55
CA TYR A 74 3.50 21.67 -20.15
C TYR A 74 4.61 20.66 -20.00
N LYS A 75 5.45 20.85 -18.98
CA LYS A 75 6.53 19.94 -18.66
C LYS A 75 6.34 19.45 -17.23
N VAL A 76 6.04 18.17 -17.09
CA VAL A 76 5.98 17.55 -15.77
C VAL A 76 7.38 17.20 -15.31
N VAL A 77 7.72 17.61 -14.10
CA VAL A 77 9.02 17.38 -13.50
C VAL A 77 8.81 16.53 -12.25
N PRO A 78 9.03 15.22 -12.35
CA PRO A 78 8.95 14.37 -11.16
C PRO A 78 10.18 14.55 -10.30
N VAL A 79 9.95 14.64 -9.00
CA VAL A 79 11.04 14.83 -8.03
C VAL A 79 10.86 13.81 -6.91
N TYR A 80 11.85 12.94 -6.75
CA TYR A 80 11.83 11.95 -5.68
C TYR A 80 12.16 12.64 -4.36
N LYS A 81 11.30 12.44 -3.36
CA LYS A 81 11.46 13.13 -2.07
C LYS A 81 11.70 12.17 -0.93
N GLY A 82 11.99 10.90 -1.19
CA GLY A 82 12.24 9.93 -0.14
C GLY A 82 11.12 8.91 0.00
N ASN A 83 11.07 8.26 1.16
CA ASN A 83 9.98 7.33 1.40
C ASN A 83 8.66 8.10 1.55
N TYR A 84 7.57 7.37 1.73
CA TYR A 84 6.27 8.01 1.74
C TYR A 84 6.16 9.06 2.83
N THR A 85 6.70 8.76 4.01
CA THR A 85 6.62 9.72 5.11
C THR A 85 7.44 10.97 4.80
N GLU A 86 8.67 10.77 4.31
CA GLU A 86 9.52 11.90 3.94
C GLU A 86 8.88 12.76 2.85
N THR A 87 8.23 12.12 1.88
CA THR A 87 7.64 12.86 0.76
C THR A 87 6.46 13.68 1.22
N MET A 88 5.58 13.08 2.03
CA MET A 88 4.44 13.84 2.54
C MET A 88 4.92 14.97 3.43
N THR A 89 5.87 14.69 4.32
CA THR A 89 6.41 15.73 5.20
C THR A 89 7.01 16.87 4.40
N ALA A 90 7.78 16.55 3.37
CA ALA A 90 8.42 17.59 2.57
C ALA A 90 7.40 18.49 1.90
N ALA A 91 6.35 17.89 1.33
CA ALA A 91 5.40 18.71 0.60
C ALA A 91 4.65 19.65 1.54
N ILE A 92 4.26 19.14 2.72
CA ILE A 92 3.54 19.96 3.67
C ILE A 92 4.45 21.06 4.21
N ALA A 93 5.72 20.75 4.48
CA ALA A 93 6.64 21.75 4.99
C ALA A 93 6.93 22.84 3.96
N ALA A 94 6.89 22.52 2.67
CA ALA A 94 7.19 23.48 1.63
C ALA A 94 6.08 24.50 1.43
N PHE A 95 4.88 24.23 1.95
CA PHE A 95 3.71 25.05 1.69
C PHE A 95 3.85 26.44 2.28
N ARG A 96 4.55 26.55 3.41
CA ARG A 96 4.76 27.87 4.02
C ARG A 96 5.63 28.76 3.12
N ALA A 97 6.81 28.26 2.73
CA ALA A 97 7.71 29.01 1.86
C ALA A 97 7.23 29.11 0.42
N LYS A 98 6.02 28.63 0.10
CA LYS A 98 5.50 28.64 -1.26
C LYS A 98 6.46 27.98 -2.25
N GLU A 99 7.13 26.93 -1.77
CA GLU A 99 8.02 26.12 -2.59
C GLU A 99 7.44 24.73 -2.84
N HIS A 100 6.16 24.55 -2.55
CA HIS A 100 5.46 23.29 -2.65
C HIS A 100 5.11 22.92 -4.09
N PRO A 101 5.02 21.64 -4.39
CA PRO A 101 4.74 21.20 -5.76
C PRO A 101 3.27 21.39 -6.14
N GLN A 102 3.00 21.16 -7.42
CA GLN A 102 1.62 21.10 -7.90
C GLN A 102 0.96 19.80 -7.47
N ILE A 103 1.68 18.69 -7.56
CA ILE A 103 1.17 17.36 -7.23
C ILE A 103 2.08 16.73 -6.21
N VAL A 104 1.49 16.09 -5.19
CA VAL A 104 2.27 15.28 -4.26
C VAL A 104 1.62 13.91 -4.12
N GLN A 105 2.44 12.86 -4.20
CA GLN A 105 1.99 11.51 -3.91
C GLN A 105 1.96 11.30 -2.40
N VAL A 106 0.78 11.05 -1.85
CA VAL A 106 0.60 10.80 -0.41
C VAL A 106 0.07 9.38 -0.21
N PHE A 107 0.80 8.59 0.57
CA PHE A 107 0.35 7.23 0.84
C PHE A 107 -1.00 7.17 1.54
N GLU A 108 -1.63 5.98 1.41
CA GLU A 108 -2.96 5.72 1.94
C GLU A 108 -3.06 6.13 3.41
N VAL A 109 -1.99 5.89 4.17
CA VAL A 109 -1.87 6.24 5.59
C VAL A 109 -2.20 7.71 5.85
N GLY A 110 -1.80 8.59 4.95
CA GLY A 110 -1.91 10.03 5.15
C GLY A 110 -3.25 10.63 4.75
N THR A 111 -4.21 9.80 4.33
CA THR A 111 -5.42 10.31 3.70
C THR A 111 -6.27 11.14 4.66
N ALA A 112 -6.50 10.66 5.89
CA ALA A 112 -7.32 11.43 6.81
C ALA A 112 -6.69 12.80 7.08
N THR A 113 -5.38 12.83 7.27
CA THR A 113 -4.69 14.09 7.48
C THR A 113 -4.84 15.03 6.27
N MET A 114 -4.74 14.49 5.05
CA MET A 114 -4.89 15.36 3.87
C MET A 114 -6.33 15.85 3.72
N MET A 115 -7.30 14.99 4.06
CA MET A 115 -8.69 15.41 3.98
C MET A 115 -9.00 16.53 4.96
N ALA A 116 -8.34 16.53 6.12
CA ALA A 116 -8.54 17.59 7.12
C ALA A 116 -7.79 18.87 6.77
N ALA A 117 -6.89 18.82 5.79
CA ALA A 117 -6.08 19.98 5.39
C ALA A 117 -6.81 20.82 4.35
N LYS A 118 -8.02 21.23 4.69
CA LYS A 118 -8.79 22.08 3.81
C LYS A 118 -8.11 23.44 3.72
N GLY A 119 -8.01 23.96 2.50
CA GLY A 119 -7.23 25.13 2.23
C GLY A 119 -5.83 24.86 1.72
N ALA A 120 -5.29 23.66 1.98
CA ALA A 120 -4.02 23.27 1.39
C ALA A 120 -4.19 22.51 0.08
N ILE A 121 -5.36 21.97 -0.20
CA ILE A 121 -5.54 21.14 -1.38
C ILE A 121 -6.54 21.76 -2.34
N TYR A 122 -6.39 21.41 -3.61
CA TYR A 122 -7.30 21.78 -4.67
C TYR A 122 -8.03 20.48 -5.01
N PRO A 123 -9.30 20.32 -4.63
CA PRO A 123 -9.99 19.04 -4.87
C PRO A 123 -9.98 18.69 -6.36
N VAL A 124 -9.64 17.43 -6.65
CA VAL A 124 -9.36 17.03 -8.03
C VAL A 124 -10.59 17.22 -8.93
N GLU A 125 -11.79 16.95 -8.42
CA GLU A 125 -12.98 17.12 -9.26
C GLU A 125 -13.16 18.58 -9.67
N LYS A 126 -12.84 19.51 -8.78
CA LYS A 126 -12.93 20.93 -9.10
C LYS A 126 -11.84 21.34 -10.07
N LEU A 127 -10.61 20.85 -9.85
CA LEU A 127 -9.51 21.14 -10.77
C LEU A 127 -9.85 20.69 -12.18
N MET A 128 -10.33 19.46 -12.31
CA MET A 128 -10.60 18.95 -13.65
C MET A 128 -11.72 19.73 -14.33
N ASN A 129 -12.80 20.03 -13.61
CA ASN A 129 -13.87 20.82 -14.22
C ASN A 129 -13.38 22.23 -14.58
N ASP A 130 -12.57 22.84 -13.71
CA ASP A 130 -12.07 24.19 -13.97
C ASP A 130 -11.18 24.23 -15.21
N ALA A 131 -10.42 23.17 -15.46
CA ALA A 131 -9.52 23.12 -16.59
C ALA A 131 -10.15 22.57 -17.86
N GLY A 132 -11.36 22.03 -17.78
CA GLY A 132 -11.99 21.39 -18.93
C GLY A 132 -11.50 19.99 -19.21
N GLU A 133 -11.21 19.22 -18.17
CA GLU A 133 -10.82 17.83 -18.31
C GLU A 133 -11.87 16.95 -17.64
N ALA A 134 -12.07 15.75 -18.19
CA ALA A 134 -13.07 14.85 -17.64
C ALA A 134 -12.59 14.25 -16.32
N PHE A 135 -13.55 13.95 -15.45
CA PHE A 135 -13.28 13.17 -14.25
C PHE A 135 -14.49 12.30 -13.95
N ASP A 136 -14.30 10.99 -13.95
CA ASP A 136 -15.35 10.01 -13.70
C ASP A 136 -14.87 9.09 -12.58
N GLY A 137 -15.20 9.46 -11.35
CA GLY A 137 -14.78 8.65 -10.21
C GLY A 137 -15.29 7.21 -10.27
N ASP A 138 -16.46 7.00 -10.86
CA ASP A 138 -17.05 5.66 -10.90
C ASP A 138 -16.24 4.69 -11.75
N ALA A 139 -15.31 5.18 -12.56
CA ALA A 139 -14.48 4.28 -13.36
C ALA A 139 -13.46 3.53 -12.53
N PHE A 140 -13.07 4.07 -11.37
CA PHE A 140 -12.06 3.42 -10.54
C PHE A 140 -12.65 2.18 -9.89
N LEU A 141 -11.78 1.27 -9.49
CA LEU A 141 -12.26 0.06 -8.81
C LEU A 141 -13.13 0.43 -7.62
N PRO A 142 -14.20 -0.32 -7.37
CA PRO A 142 -15.06 -0.01 -6.21
C PRO A 142 -14.29 0.09 -4.90
N ALA A 143 -13.32 -0.79 -4.65
CA ALA A 143 -12.54 -0.73 -3.42
C ALA A 143 -11.78 0.59 -3.31
N VAL A 144 -11.24 1.07 -4.43
CA VAL A 144 -10.53 2.35 -4.44
C VAL A 144 -11.50 3.49 -4.12
N VAL A 145 -12.66 3.50 -4.76
CA VAL A 145 -13.66 4.54 -4.51
C VAL A 145 -14.11 4.56 -3.05
N SER A 146 -14.48 3.38 -2.52
CA SER A 146 -14.96 3.31 -1.14
C SER A 146 -13.88 3.70 -0.15
N TYR A 147 -12.62 3.42 -0.48
CA TYR A 147 -11.51 3.74 0.43
C TYR A 147 -11.27 5.24 0.50
N TYR A 148 -11.33 5.92 -0.64
CA TYR A 148 -10.84 7.29 -0.74
C TYR A 148 -11.93 8.35 -0.78
N GLU A 149 -13.19 7.98 -1.04
CA GLU A 149 -14.22 9.00 -1.14
C GLU A 149 -14.53 9.63 0.20
N THR A 150 -14.85 10.93 0.17
CA THR A 150 -15.29 11.63 1.36
C THR A 150 -16.64 11.07 1.77
N PRO A 151 -17.13 11.42 2.98
CA PRO A 151 -18.46 10.95 3.40
C PRO A 151 -19.60 11.47 2.53
N GLU A 152 -19.32 12.35 1.57
CA GLU A 152 -20.31 12.85 0.63
C GLU A 152 -20.11 12.29 -0.76
N GLY A 153 -19.21 11.34 -0.93
CA GLY A 153 -19.01 10.65 -2.19
C GLY A 153 -18.06 11.30 -3.17
N GLU A 154 -17.23 12.24 -2.73
CA GLU A 154 -16.32 12.95 -3.61
C GLU A 154 -14.92 12.36 -3.48
N LEU A 155 -14.23 12.20 -4.59
CA LEU A 155 -12.80 11.90 -4.55
C LEU A 155 -12.04 13.22 -4.60
N LEU A 156 -11.22 13.49 -3.57
CA LEU A 156 -10.44 14.72 -3.51
C LEU A 156 -9.09 14.59 -4.20
N SER A 157 -8.58 13.37 -4.32
CA SER A 157 -7.28 13.11 -4.89
C SER A 157 -7.45 12.16 -6.08
N MET A 158 -6.39 12.07 -6.89
CA MET A 158 -6.40 11.25 -8.10
C MET A 158 -5.82 9.88 -7.79
N PRO A 159 -6.58 8.81 -7.95
CA PRO A 159 -6.00 7.46 -7.82
C PRO A 159 -4.90 7.25 -8.86
N PHE A 160 -3.89 6.48 -8.48
CA PHE A 160 -2.74 6.22 -9.32
C PHE A 160 -2.10 4.86 -9.00
N ASN A 161 -1.56 4.71 -7.81
CA ASN A 161 -0.84 3.50 -7.43
C ASN A 161 -1.48 2.87 -6.19
N SER A 162 -2.43 1.96 -6.41
CA SER A 162 -3.04 1.22 -5.31
C SER A 162 -2.56 -0.21 -5.35
N SER A 163 -2.38 -0.78 -4.16
CA SER A 163 -1.81 -2.10 -4.02
C SER A 163 -2.58 -2.85 -2.94
N THR A 164 -2.19 -4.11 -2.76
CA THR A 164 -2.55 -4.87 -1.57
C THR A 164 -1.42 -5.88 -1.35
N PRO A 165 -1.24 -6.36 -0.12
CA PRO A 165 -0.12 -7.30 0.09
C PRO A 165 -0.46 -8.69 -0.45
N VAL A 166 0.56 -9.37 -0.96
CA VAL A 166 0.44 -10.75 -1.43
C VAL A 166 1.54 -11.58 -0.78
N MET A 167 1.40 -12.91 -0.87
CA MET A 167 2.45 -13.83 -0.44
C MET A 167 3.31 -14.15 -1.66
N TRP A 168 4.52 -13.58 -1.70
CA TRP A 168 5.49 -13.91 -2.73
C TRP A 168 6.23 -15.18 -2.32
N TYR A 169 6.61 -15.98 -3.30
CA TYR A 169 7.31 -17.22 -2.97
C TYR A 169 8.34 -17.56 -4.04
N ASN A 170 9.38 -18.25 -3.60
CA ASN A 170 10.45 -18.75 -4.45
C ASN A 170 10.06 -20.18 -4.84
N LYS A 171 9.45 -20.32 -6.01
CA LYS A 171 8.96 -21.63 -6.46
C LYS A 171 10.12 -22.62 -6.62
N THR A 172 11.26 -22.15 -7.10
CA THR A 172 12.43 -23.02 -7.23
C THR A 172 12.81 -23.61 -5.88
N ALA A 173 12.85 -22.78 -4.83
CA ALA A 173 13.24 -23.26 -3.51
C ALA A 173 12.17 -24.17 -2.92
N LEU A 174 10.89 -23.83 -3.11
CA LEU A 174 9.82 -24.71 -2.62
C LEU A 174 9.94 -26.09 -3.24
N ASP A 175 10.11 -26.15 -4.57
CA ASP A 175 10.24 -27.43 -5.26
C ASP A 175 11.41 -28.24 -4.71
N ALA A 176 12.57 -27.60 -4.54
CA ALA A 176 13.74 -28.33 -4.04
C ALA A 176 13.52 -28.85 -2.62
N ALA A 177 12.71 -28.15 -1.82
CA ALA A 177 12.43 -28.57 -0.46
C ALA A 177 11.27 -29.55 -0.37
N GLY A 178 10.66 -29.91 -1.50
CA GLY A 178 9.48 -30.73 -1.48
C GLY A 178 8.30 -30.09 -0.78
N ALA A 179 8.21 -28.76 -0.84
CA ALA A 179 7.16 -28.01 -0.17
C ALA A 179 6.14 -27.52 -1.19
N SER A 180 4.95 -27.17 -0.69
CA SER A 180 3.87 -26.66 -1.49
C SER A 180 3.60 -25.20 -1.14
N VAL A 181 2.97 -24.49 -2.08
CA VAL A 181 2.55 -23.10 -1.85
C VAL A 181 1.51 -23.06 -0.73
N PRO A 182 1.73 -22.28 0.32
CA PRO A 182 0.82 -22.31 1.46
C PRO A 182 -0.44 -21.49 1.24
N THR A 183 -1.53 -21.94 1.87
CA THR A 183 -2.78 -21.19 1.96
C THR A 183 -3.14 -20.79 3.38
N THR A 184 -2.60 -21.49 4.39
CA THR A 184 -2.88 -21.21 5.79
C THR A 184 -1.60 -20.89 6.53
N TRP A 185 -1.76 -20.30 7.72
CA TRP A 185 -0.61 -20.01 8.56
C TRP A 185 0.08 -21.28 9.05
N ASP A 186 -0.67 -22.36 9.33
CA ASP A 186 -0.01 -23.63 9.65
C ASP A 186 0.87 -24.07 8.49
N GLU A 187 0.38 -23.93 7.27
CA GLU A 187 1.17 -24.29 6.10
C GLU A 187 2.37 -23.36 5.92
N VAL A 188 2.25 -22.07 6.28
CA VAL A 188 3.42 -21.20 6.21
C VAL A 188 4.53 -21.74 7.10
N LYS A 189 4.19 -22.11 8.33
CA LYS A 189 5.20 -22.60 9.26
C LYS A 189 5.81 -23.91 8.78
N GLU A 190 4.97 -24.82 8.28
CA GLU A 190 5.46 -26.11 7.78
C GLU A 190 6.36 -25.93 6.57
N THR A 191 5.96 -25.05 5.65
CA THR A 191 6.79 -24.77 4.48
C THR A 191 8.11 -24.12 4.89
N ALA A 192 8.05 -23.19 5.85
CA ALA A 192 9.29 -22.57 6.33
C ALA A 192 10.22 -23.61 6.91
N GLN A 193 9.66 -24.58 7.64
CA GLN A 193 10.48 -25.64 8.21
C GLN A 193 11.16 -26.46 7.11
N LYS A 194 10.41 -26.81 6.08
CA LYS A 194 10.98 -27.57 4.98
C LYS A 194 12.08 -26.79 4.26
N LEU A 195 11.86 -25.50 4.04
CA LEU A 195 12.88 -24.68 3.37
C LEU A 195 14.16 -24.64 4.17
N VAL A 196 14.08 -24.35 5.46
CA VAL A 196 15.28 -24.25 6.28
C VAL A 196 15.95 -25.61 6.44
N ASP A 197 15.15 -26.69 6.56
CA ASP A 197 15.73 -28.03 6.60
C ASP A 197 16.53 -28.34 5.34
N ASN A 198 16.13 -27.75 4.21
CA ASN A 198 16.82 -27.93 2.93
C ASN A 198 17.91 -26.89 2.71
N GLY A 199 18.29 -26.14 3.74
CA GLY A 199 19.42 -25.22 3.68
C GLY A 199 19.10 -23.78 3.32
N MET A 200 17.83 -23.42 3.14
CA MET A 200 17.50 -22.00 2.97
C MET A 200 17.91 -21.21 4.20
N ASP A 201 18.40 -19.98 3.99
CA ASP A 201 18.80 -19.15 5.11
C ASP A 201 17.63 -18.90 6.06
N CYS A 202 16.44 -18.69 5.51
CA CYS A 202 15.27 -18.48 6.34
C CYS A 202 14.00 -18.78 5.55
N GLY A 203 12.92 -19.02 6.28
CA GLY A 203 11.69 -19.47 5.67
C GLY A 203 10.81 -18.34 5.17
N VAL A 204 10.41 -17.44 6.06
CA VAL A 204 9.45 -16.38 5.71
C VAL A 204 9.88 -15.08 6.34
N SER A 205 9.57 -13.98 5.66
CA SER A 205 9.66 -12.65 6.23
C SER A 205 8.56 -11.80 5.60
N PHE A 206 8.55 -10.51 5.94
CA PHE A 206 7.55 -9.60 5.39
C PHE A 206 8.05 -8.18 5.50
N GLY A 207 7.60 -7.34 4.57
CA GLY A 207 7.83 -5.92 4.65
C GLY A 207 6.58 -5.21 5.12
N TRP A 208 6.66 -3.88 5.16
CA TRP A 208 5.55 -3.03 5.60
C TRP A 208 4.71 -3.72 6.69
N GLN A 209 5.36 -4.05 7.81
CA GLN A 209 4.80 -5.05 8.72
C GLN A 209 3.48 -4.60 9.34
N SER A 210 3.29 -3.31 9.62
CA SER A 210 1.99 -2.90 10.14
C SER A 210 0.92 -3.09 9.08
N TRP A 211 1.22 -2.66 7.85
CA TRP A 211 0.26 -2.82 6.77
C TRP A 211 -0.06 -4.28 6.53
N VAL A 212 0.95 -5.15 6.60
CA VAL A 212 0.76 -6.57 6.30
C VAL A 212 0.15 -7.31 7.48
N MET A 213 0.82 -7.24 8.64
CA MET A 213 0.52 -8.16 9.73
C MET A 213 -0.43 -7.59 10.77
N VAL A 214 -0.83 -6.33 10.66
CA VAL A 214 -1.83 -5.74 11.56
C VAL A 214 -3.04 -5.28 10.76
N GLU A 215 -2.83 -4.35 9.83
CA GLU A 215 -3.93 -3.76 9.09
C GLU A 215 -4.58 -4.77 8.15
N ASN A 216 -3.79 -5.36 7.25
CA ASN A 216 -4.35 -6.36 6.35
C ASN A 216 -4.70 -7.64 7.08
N PHE A 217 -3.90 -8.06 8.06
CA PHE A 217 -4.27 -9.25 8.79
C PHE A 217 -5.65 -9.10 9.41
N SER A 218 -5.95 -7.93 9.95
CA SER A 218 -7.26 -7.70 10.56
C SER A 218 -8.38 -7.75 9.52
N ALA A 219 -8.22 -7.05 8.40
CA ALA A 219 -9.27 -7.05 7.39
C ALA A 219 -9.49 -8.45 6.83
N TRP A 220 -8.39 -9.18 6.59
CA TRP A 220 -8.46 -10.52 6.00
C TRP A 220 -9.25 -11.49 6.88
N HIS A 221 -9.27 -11.24 8.19
CA HIS A 221 -9.96 -12.09 9.15
C HIS A 221 -11.21 -11.42 9.70
N ASN A 222 -11.64 -10.32 9.09
CA ASN A 222 -12.86 -9.60 9.47
C ASN A 222 -12.87 -9.18 10.94
N ILE A 223 -11.74 -8.64 11.42
CA ILE A 223 -11.69 -8.07 12.76
C ILE A 223 -11.32 -6.59 12.66
N GLY A 224 -11.82 -5.81 13.59
CA GLY A 224 -11.68 -4.36 13.50
C GLY A 224 -10.29 -3.88 13.88
N MET A 225 -9.87 -2.82 13.18
CA MET A 225 -8.61 -2.15 13.46
C MET A 225 -8.83 -1.00 14.43
N GLY A 226 -9.98 -0.34 14.36
CA GLY A 226 -10.34 0.68 15.34
C GLY A 226 -11.84 0.82 15.38
N THR A 227 -12.31 1.49 16.42
CA THR A 227 -13.74 1.73 16.56
C THR A 227 -14.21 2.73 15.49
N LYS A 228 -15.50 3.03 15.51
CA LYS A 228 -16.09 3.90 14.50
C LYS A 228 -15.73 3.44 13.08
N GLU A 229 -15.90 2.14 12.83
CA GLU A 229 -15.67 1.53 11.52
C GLU A 229 -14.29 1.89 10.95
N ASN A 230 -13.27 1.56 11.73
CA ASN A 230 -11.87 1.83 11.37
C ASN A 230 -11.63 3.31 11.05
N GLY A 231 -12.35 4.19 11.74
CA GLY A 231 -12.18 5.62 11.56
C GLY A 231 -13.09 6.24 10.53
N PHE A 232 -13.78 5.44 9.72
CA PHE A 232 -14.65 6.04 8.70
C PHE A 232 -15.86 6.71 9.30
N ALA A 233 -16.28 6.32 10.50
CA ALA A 233 -17.51 6.84 11.08
C ALA A 233 -17.30 7.94 12.11
N GLY A 234 -16.07 8.40 12.33
CA GLY A 234 -15.88 9.48 13.26
C GLY A 234 -14.45 9.64 13.70
N PHE A 235 -14.15 10.86 14.15
CA PHE A 235 -12.85 11.18 14.72
C PHE A 235 -12.71 10.68 16.15
N ASP A 236 -13.80 10.24 16.78
CA ASP A 236 -13.75 9.75 18.16
C ASP A 236 -13.42 8.27 18.20
N THR A 237 -12.63 7.81 17.24
CA THR A 237 -12.19 6.44 17.12
C THR A 237 -11.05 6.13 18.10
N GLU A 238 -10.93 4.85 18.46
CA GLU A 238 -9.80 4.36 19.22
C GLU A 238 -9.41 3.00 18.67
N PHE A 239 -8.16 2.59 18.93
CA PHE A 239 -7.64 1.40 18.29
C PHE A 239 -8.14 0.12 18.94
N SER A 240 -8.29 -0.92 18.12
CA SER A 240 -8.86 -2.20 18.55
C SER A 240 -8.01 -3.38 18.12
N PHE A 241 -6.83 -3.13 17.54
CA PHE A 241 -5.99 -4.20 17.05
C PHE A 241 -5.26 -4.92 18.17
N ASN A 242 -5.32 -4.40 19.39
CA ASN A 242 -4.67 -5.02 20.54
C ASN A 242 -5.62 -6.09 21.09
N ASN A 243 -5.69 -7.20 20.37
CA ASN A 243 -6.63 -8.27 20.69
C ASN A 243 -5.91 -9.61 20.55
N GLU A 244 -6.52 -10.66 21.10
CA GLU A 244 -5.88 -11.97 21.17
C GLU A 244 -5.57 -12.55 19.80
N ALA A 245 -6.41 -12.28 18.80
CA ALA A 245 -6.17 -12.85 17.48
C ALA A 245 -4.89 -12.32 16.88
N VAL A 246 -4.74 -10.98 16.87
CA VAL A 246 -3.51 -10.40 16.34
C VAL A 246 -2.31 -10.79 17.19
N ALA A 247 -2.47 -10.74 18.52
CA ALA A 247 -1.33 -11.01 19.39
C ALA A 247 -0.83 -12.44 19.23
N ALA A 248 -1.76 -13.40 19.17
CA ALA A 248 -1.34 -14.80 19.07
C ALA A 248 -0.55 -15.03 17.78
N ARG A 249 -0.95 -14.37 16.68
CA ARG A 249 -0.21 -14.58 15.44
C ARG A 249 1.18 -13.97 15.51
N LEU A 250 1.30 -12.76 16.06
CA LEU A 250 2.61 -12.14 16.18
C LEU A 250 3.51 -12.94 17.10
N ASP A 251 2.94 -13.50 18.18
CA ASP A 251 3.75 -14.33 19.07
C ASP A 251 4.20 -15.59 18.35
N GLY A 252 3.32 -16.14 17.50
CA GLY A 252 3.69 -17.32 16.74
C GLY A 252 4.80 -17.05 15.75
N ILE A 253 4.78 -15.87 15.11
CA ILE A 253 5.86 -15.52 14.20
C ILE A 253 7.16 -15.31 14.97
N ALA A 254 7.09 -14.63 16.11
CA ALA A 254 8.29 -14.40 16.90
C ALA A 254 8.93 -15.73 17.32
N ALA A 255 8.10 -16.72 17.66
CA ALA A 255 8.62 -18.03 18.05
C ALA A 255 9.32 -18.73 16.89
N MET A 256 8.98 -18.37 15.65
CA MET A 256 9.66 -18.92 14.49
C MET A 256 11.05 -18.36 14.26
N SER A 257 11.47 -17.36 15.04
CA SER A 257 12.83 -16.84 14.87
C SER A 257 13.86 -17.90 15.23
N GLU A 258 13.57 -18.72 16.23
CA GLU A 258 14.43 -19.83 16.57
C GLU A 258 14.40 -20.86 15.44
N GLY A 259 15.56 -21.23 14.96
CA GLY A 259 15.62 -22.09 13.80
C GLY A 259 15.51 -21.35 12.48
N ASN A 260 15.40 -20.03 12.52
CA ASN A 260 15.40 -19.16 11.34
C ASN A 260 14.20 -19.40 10.42
N LEU A 261 13.09 -19.93 10.95
CA LEU A 261 11.90 -20.05 10.12
C LEU A 261 11.39 -18.67 9.71
N PHE A 262 11.50 -17.71 10.62
CA PHE A 262 11.22 -16.30 10.39
C PHE A 262 12.48 -15.51 10.66
N LYS A 263 12.72 -14.48 9.85
CA LYS A 263 13.76 -13.50 10.13
C LYS A 263 13.21 -12.12 9.82
N TYR A 264 13.26 -11.22 10.80
CA TYR A 264 12.86 -9.85 10.56
C TYR A 264 13.93 -9.14 9.74
N GLY A 265 13.51 -8.42 8.70
CA GLY A 265 14.44 -7.72 7.85
C GLY A 265 14.18 -6.24 7.71
N GLY A 266 13.56 -5.64 8.70
CA GLY A 266 13.41 -4.19 8.71
C GLY A 266 12.06 -3.73 8.21
N ARG A 267 11.90 -2.41 8.23
CA ARG A 267 10.66 -1.76 7.87
C ARG A 267 10.52 -1.58 6.36
N ARG A 268 9.30 -1.25 5.92
CA ARG A 268 9.01 -0.86 4.53
C ARG A 268 9.52 -1.94 3.60
N GLY A 269 10.30 -1.62 2.57
CA GLY A 269 10.82 -2.62 1.67
C GLY A 269 12.25 -3.02 1.96
N ASP A 270 12.76 -2.73 3.18
CA ASP A 270 14.14 -3.08 3.48
C ASP A 270 14.45 -4.55 3.26
N SER A 271 13.47 -5.44 3.47
CA SER A 271 13.68 -6.87 3.35
C SER A 271 13.61 -7.38 1.92
N LEU A 272 13.29 -6.54 0.93
CA LEU A 272 13.24 -6.97 -0.47
C LEU A 272 14.43 -7.82 -0.89
N PRO A 273 15.70 -7.44 -0.68
CA PRO A 273 16.80 -8.30 -1.14
C PRO A 273 16.88 -9.63 -0.41
N MET A 274 16.33 -9.77 0.79
CA MET A 274 16.24 -11.10 1.37
C MET A 274 15.49 -12.04 0.44
N PHE A 275 14.40 -11.56 -0.16
CA PHE A 275 13.64 -12.37 -1.10
C PHE A 275 14.36 -12.51 -2.45
N THR A 276 14.74 -11.38 -3.08
CA THR A 276 15.33 -11.49 -4.41
C THR A 276 16.71 -12.14 -4.41
N ASN A 277 17.45 -12.11 -3.30
CA ASN A 277 18.71 -12.84 -3.24
C ASN A 277 18.53 -14.34 -3.05
N GLY A 278 17.31 -14.81 -2.77
CA GLY A 278 17.12 -16.22 -2.47
C GLY A 278 17.41 -16.60 -1.04
N GLU A 279 17.36 -15.65 -0.10
CA GLU A 279 17.60 -15.98 1.30
C GLU A 279 16.34 -16.46 2.02
N CYS A 280 15.19 -15.84 1.77
CA CYS A 280 13.94 -16.30 2.36
C CYS A 280 13.04 -16.82 1.24
N GLY A 281 12.35 -17.94 1.52
CA GLY A 281 11.56 -18.57 0.48
C GLY A 281 10.18 -17.99 0.32
N MET A 282 9.65 -17.36 1.35
CA MET A 282 8.33 -16.74 1.33
C MET A 282 8.47 -15.32 1.84
N TRP A 283 7.70 -14.42 1.24
CA TRP A 283 7.84 -13.00 1.56
C TRP A 283 6.52 -12.32 1.30
N MET A 284 5.89 -11.81 2.36
CA MET A 284 4.65 -11.06 2.24
C MET A 284 4.93 -9.58 2.13
N ASN A 285 4.46 -8.96 1.06
CA ASN A 285 4.61 -7.53 0.88
C ASN A 285 3.76 -7.12 -0.31
N SER A 286 3.80 -5.82 -0.60
CA SER A 286 2.96 -5.25 -1.63
C SER A 286 3.03 -5.99 -2.95
N SER A 287 1.88 -6.05 -3.63
CA SER A 287 1.86 -6.49 -5.01
C SER A 287 2.78 -5.65 -5.88
N ALA A 288 3.07 -4.41 -5.45
CA ALA A 288 3.88 -3.49 -6.24
C ALA A 288 5.38 -3.78 -6.19
N TYR A 289 5.79 -4.90 -5.60
CA TYR A 289 7.18 -5.33 -5.74
C TYR A 289 7.39 -6.19 -6.99
N TYR A 290 6.34 -6.41 -7.79
CA TYR A 290 6.45 -7.27 -8.98
C TYR A 290 7.55 -6.81 -9.92
N GLY A 291 7.60 -5.52 -10.24
CA GLY A 291 8.63 -5.03 -11.15
C GLY A 291 10.03 -5.31 -10.64
N SER A 292 10.28 -5.01 -9.37
CA SER A 292 11.60 -5.25 -8.79
C SER A 292 11.92 -6.74 -8.78
N ILE A 293 10.94 -7.56 -8.38
CA ILE A 293 11.18 -9.00 -8.26
C ILE A 293 11.46 -9.61 -9.63
N LYS A 294 10.66 -9.24 -10.64
CA LYS A 294 10.84 -9.76 -11.98
C LYS A 294 12.24 -9.46 -12.52
N SER A 295 12.79 -8.33 -12.17
CA SER A 295 14.10 -7.95 -12.65
C SER A 295 15.27 -8.45 -11.84
N GLN A 296 15.07 -8.73 -10.55
CA GLN A 296 16.18 -9.08 -9.68
C GLN A 296 16.26 -10.51 -9.20
N ALA A 297 15.17 -11.26 -9.31
CA ALA A 297 15.16 -12.63 -8.82
C ALA A 297 15.68 -13.57 -9.90
N GLU A 298 16.68 -14.38 -9.54
CA GLU A 298 17.28 -15.36 -10.44
C GLU A 298 16.57 -16.70 -10.40
N PHE A 299 15.46 -16.79 -9.70
CA PHE A 299 14.74 -18.04 -9.52
C PHE A 299 13.34 -17.87 -10.08
N GLU A 300 12.59 -18.97 -10.17
CA GLU A 300 11.20 -18.89 -10.56
C GLU A 300 10.39 -18.43 -9.35
N PHE A 301 9.60 -17.38 -9.54
CA PHE A 301 8.85 -16.81 -8.44
C PHE A 301 7.35 -16.85 -8.73
N GLY A 302 6.56 -16.75 -7.67
CA GLY A 302 5.13 -16.65 -7.82
C GLY A 302 4.56 -15.77 -6.72
N GLN A 303 3.26 -15.52 -6.82
CA GLN A 303 2.53 -14.84 -5.78
C GLN A 303 1.19 -15.52 -5.58
N THR A 304 0.72 -15.52 -4.34
CA THR A 304 -0.56 -16.09 -3.99
C THR A 304 -1.23 -15.22 -2.94
N MET A 305 -2.47 -15.57 -2.59
CA MET A 305 -3.20 -14.78 -1.62
C MET A 305 -2.62 -14.95 -0.22
N LEU A 306 -2.90 -13.98 0.65
CA LEU A 306 -2.34 -13.98 2.00
C LEU A 306 -2.79 -15.23 2.76
N PRO A 307 -1.93 -15.75 3.63
CA PRO A 307 -2.30 -16.96 4.37
C PRO A 307 -3.46 -16.69 5.32
N LEU A 308 -4.30 -17.71 5.47
CA LEU A 308 -5.44 -17.66 6.37
C LEU A 308 -5.03 -18.21 7.72
N ASP A 309 -5.29 -17.46 8.79
CA ASP A 309 -5.09 -17.97 10.14
C ASP A 309 -6.33 -18.78 10.51
N THR A 310 -6.25 -20.10 10.36
CA THR A 310 -7.41 -20.95 10.61
C THR A 310 -7.78 -21.02 12.09
N SER A 311 -6.93 -20.53 13.00
CA SER A 311 -7.35 -20.41 14.39
C SER A 311 -8.23 -19.19 14.61
N VAL A 312 -8.34 -18.30 13.63
CA VAL A 312 -9.14 -17.09 13.73
C VAL A 312 -10.41 -17.17 12.90
N ALA A 313 -10.31 -17.73 11.69
CA ALA A 313 -11.44 -17.75 10.78
C ALA A 313 -11.33 -18.98 9.88
N ASP A 314 -12.49 -19.46 9.42
CA ASP A 314 -12.54 -20.60 8.52
C ASP A 314 -12.36 -20.20 7.07
N ALA A 315 -12.53 -18.92 6.75
CA ALA A 315 -12.42 -18.42 5.39
C ALA A 315 -12.02 -16.95 5.45
N PRO A 316 -11.29 -16.46 4.45
CA PRO A 316 -10.87 -15.06 4.45
C PRO A 316 -12.02 -14.12 4.06
N GLN A 317 -11.83 -12.85 4.39
CA GLN A 317 -12.78 -11.79 4.04
C GLN A 317 -12.34 -11.11 2.75
N ASN A 318 -11.56 -10.03 2.85
CA ASN A 318 -10.85 -9.46 1.71
C ASN A 318 -9.68 -8.66 2.26
N SER A 319 -8.74 -8.30 1.37
CA SER A 319 -7.63 -7.46 1.78
C SER A 319 -7.94 -6.01 1.44
N ILE A 320 -7.02 -5.11 1.83
CA ILE A 320 -7.30 -3.68 1.77
C ILE A 320 -6.20 -2.93 1.03
N ILE A 321 -6.52 -1.68 0.71
CA ILE A 321 -5.68 -0.82 -0.10
C ILE A 321 -4.36 -0.49 0.59
N GLY A 322 -3.30 -0.48 -0.20
CA GLY A 322 -2.09 0.25 0.13
C GLY A 322 -1.67 1.13 -1.03
N GLY A 323 -0.45 1.66 -0.95
CA GLY A 323 0.03 2.55 -1.99
C GLY A 323 -0.31 4.00 -1.69
N ALA A 324 -0.72 4.76 -2.70
CA ALA A 324 -0.92 6.19 -2.51
C ALA A 324 -1.98 6.70 -3.47
N THR A 325 -2.26 8.01 -3.37
CA THR A 325 -3.00 8.75 -4.39
C THR A 325 -2.27 10.07 -4.61
N LEU A 326 -2.71 10.81 -5.62
CA LEU A 326 -2.05 12.07 -5.99
C LEU A 326 -2.91 13.25 -5.60
N TRP A 327 -2.38 14.11 -4.72
CA TRP A 327 -3.07 15.30 -4.24
C TRP A 327 -2.54 16.52 -4.97
N VAL A 328 -3.46 17.40 -5.35
CA VAL A 328 -3.11 18.66 -6.00
C VAL A 328 -3.12 19.75 -4.95
N LEU A 329 -2.04 20.51 -4.84
CA LEU A 329 -1.91 21.49 -3.78
C LEU A 329 -2.39 22.86 -4.24
N ALA A 330 -2.96 23.59 -3.29
CA ALA A 330 -3.45 24.94 -3.52
C ALA A 330 -2.28 25.91 -3.64
N GLY A 331 -2.60 27.11 -4.13
CA GLY A 331 -1.66 28.22 -4.11
C GLY A 331 -0.92 28.48 -5.39
N HIS A 332 -1.25 27.80 -6.49
CA HIS A 332 -0.53 27.93 -7.74
C HIS A 332 -1.37 28.73 -8.73
N ASP A 333 -0.86 28.88 -9.95
CA ASP A 333 -1.52 29.72 -10.93
C ASP A 333 -2.28 28.88 -11.97
N GLU A 334 -3.09 29.57 -12.78
CA GLU A 334 -4.03 28.89 -13.67
C GLU A 334 -3.32 27.99 -14.67
N GLU A 335 -2.21 28.45 -15.25
CA GLU A 335 -1.52 27.62 -16.23
C GLU A 335 -0.90 26.40 -15.57
N GLU A 336 -0.35 26.56 -14.37
CA GLU A 336 0.18 25.42 -13.63
C GLU A 336 -0.92 24.41 -13.36
N TYR A 337 -2.11 24.87 -13.00
CA TYR A 337 -3.22 23.94 -12.80
C TYR A 337 -3.72 23.33 -14.11
N LYS A 338 -3.71 24.10 -15.20
CA LYS A 338 -4.11 23.54 -16.50
C LYS A 338 -3.20 22.39 -16.90
N GLY A 339 -1.87 22.59 -16.76
CA GLY A 339 -0.94 21.51 -17.06
C GLY A 339 -1.09 20.34 -16.10
N THR A 340 -1.34 20.63 -14.82
CA THR A 340 -1.60 19.56 -13.85
C THR A 340 -2.79 18.74 -14.30
N ALA A 341 -3.89 19.41 -14.65
CA ALA A 341 -5.09 18.70 -15.07
C ALA A 341 -4.84 17.87 -16.32
N GLN A 342 -4.10 18.43 -17.29
CA GLN A 342 -3.83 17.66 -18.52
C GLN A 342 -2.97 16.44 -18.22
N PHE A 343 -2.01 16.57 -17.30
CA PHE A 343 -1.23 15.40 -16.91
C PHE A 343 -2.12 14.36 -16.22
N LEU A 344 -3.04 14.80 -15.36
CA LEU A 344 -3.94 13.83 -14.74
C LEU A 344 -4.81 13.13 -15.78
N THR A 345 -5.20 13.83 -16.84
CA THR A 345 -5.92 13.16 -17.92
C THR A 345 -5.05 12.11 -18.57
N TYR A 346 -3.77 12.42 -18.83
CA TYR A 346 -2.87 11.44 -19.38
C TYR A 346 -2.80 10.20 -18.49
N LEU A 347 -2.76 10.40 -17.17
CA LEU A 347 -2.75 9.28 -16.24
C LEU A 347 -4.08 8.54 -16.19
N SER A 348 -5.16 9.13 -16.68
CA SER A 348 -6.49 8.53 -16.60
C SER A 348 -6.78 7.56 -17.73
N SER A 349 -5.91 7.45 -18.67
CA SER A 349 -6.25 6.60 -19.79
C SER A 349 -6.08 5.13 -19.42
N PRO A 350 -6.95 4.25 -19.91
CA PRO A 350 -6.79 2.81 -19.65
C PRO A 350 -5.43 2.27 -20.07
N GLU A 351 -4.87 2.78 -21.17
CA GLU A 351 -3.58 2.30 -21.64
C GLU A 351 -2.46 2.64 -20.67
N VAL A 352 -2.44 3.88 -20.16
CA VAL A 352 -1.40 4.25 -19.20
C VAL A 352 -1.60 3.51 -17.89
N GLN A 353 -2.85 3.39 -17.44
CA GLN A 353 -3.13 2.67 -16.21
C GLN A 353 -2.75 1.19 -16.32
N ALA A 354 -3.02 0.57 -17.47
CA ALA A 354 -2.65 -0.83 -17.66
C ALA A 354 -1.14 -1.00 -17.71
N TRP A 355 -0.44 -0.11 -18.42
CA TRP A 355 1.01 -0.17 -18.47
C TRP A 355 1.60 -0.05 -17.06
N TRP A 356 1.13 0.94 -16.29
CA TRP A 356 1.63 1.11 -14.93
C TRP A 356 1.42 -0.16 -14.11
N HIS A 357 0.22 -0.73 -14.14
CA HIS A 357 -0.06 -1.97 -13.42
C HIS A 357 0.84 -3.11 -13.87
N GLN A 358 1.01 -3.28 -15.18
CA GLN A 358 1.79 -4.40 -15.69
C GLN A 358 3.26 -4.28 -15.30
N GLU A 359 3.79 -3.06 -15.32
CA GLU A 359 5.21 -2.87 -15.07
C GLU A 359 5.56 -2.90 -13.59
N THR A 360 4.60 -2.57 -12.72
CA THR A 360 4.91 -2.37 -11.30
C THR A 360 4.32 -3.42 -10.38
N GLY A 361 3.10 -3.88 -10.65
CA GLY A 361 2.37 -4.69 -9.71
C GLY A 361 1.36 -3.93 -8.87
N TYR A 362 1.30 -2.59 -8.98
CA TYR A 362 0.11 -1.90 -8.51
C TYR A 362 -1.08 -2.44 -9.30
N VAL A 363 -2.26 -2.44 -8.68
CA VAL A 363 -3.44 -3.02 -9.34
C VAL A 363 -3.87 -2.15 -10.51
N PRO A 364 -4.59 -2.70 -11.49
CA PRO A 364 -5.19 -1.80 -12.49
C PRO A 364 -6.19 -0.91 -11.78
N ILE A 365 -5.98 0.41 -11.87
CA ILE A 365 -6.72 1.33 -11.04
C ILE A 365 -8.17 1.48 -11.46
N THR A 366 -8.48 1.12 -12.71
CA THR A 366 -9.85 1.12 -13.21
C THR A 366 -10.18 -0.27 -13.74
N THR A 367 -11.47 -0.56 -13.77
CA THR A 367 -11.94 -1.79 -14.40
C THR A 367 -11.51 -1.86 -15.87
N ALA A 368 -11.53 -0.71 -16.57
CA ALA A 368 -11.11 -0.69 -17.97
C ALA A 368 -9.66 -1.12 -18.13
N ALA A 369 -8.77 -0.66 -17.23
CA ALA A 369 -7.39 -1.07 -17.31
C ALA A 369 -7.22 -2.56 -17.05
N TYR A 370 -8.04 -3.12 -16.14
CA TYR A 370 -8.00 -4.57 -15.91
C TYR A 370 -8.43 -5.31 -17.17
N GLU A 371 -9.55 -4.90 -17.77
CA GLU A 371 -10.06 -5.56 -18.98
C GLU A 371 -9.07 -5.44 -20.13
N LEU A 372 -8.42 -4.29 -20.27
CA LEU A 372 -7.39 -4.15 -21.30
C LEU A 372 -6.24 -5.12 -21.06
N SER A 373 -5.74 -5.20 -19.82
CA SER A 373 -4.66 -6.12 -19.53
C SER A 373 -5.06 -7.57 -19.83
N LYS A 374 -6.30 -7.93 -19.48
CA LYS A 374 -6.75 -9.29 -19.71
C LYS A 374 -6.81 -9.59 -21.21
N GLU A 375 -7.39 -8.67 -21.99
CA GLU A 375 -7.48 -8.85 -23.44
C GLU A 375 -6.11 -8.93 -24.07
N GLN A 376 -5.12 -8.21 -23.51
CA GLN A 376 -3.75 -8.31 -23.99
C GLN A 376 -3.07 -9.62 -23.61
N GLY A 377 -3.75 -10.48 -22.87
CA GLY A 377 -3.16 -11.75 -22.44
C GLY A 377 -2.21 -11.65 -21.28
N PHE A 378 -2.19 -10.51 -20.56
CA PHE A 378 -1.19 -10.30 -19.53
C PHE A 378 -1.31 -11.30 -18.40
N TYR A 379 -2.54 -11.64 -17.98
CA TYR A 379 -2.69 -12.60 -16.90
C TYR A 379 -2.43 -14.03 -17.34
N GLU A 380 -2.48 -14.29 -18.64
CA GLU A 380 -2.09 -15.60 -19.15
C GLU A 380 -0.58 -15.70 -19.26
N SER A 381 0.07 -14.63 -19.72
CA SER A 381 1.51 -14.65 -19.95
C SER A 381 2.31 -14.43 -18.67
N ASN A 382 1.66 -13.92 -17.62
CA ASN A 382 2.34 -13.59 -16.37
C ASN A 382 1.47 -14.09 -15.23
N PRO A 383 1.52 -15.40 -14.97
CA PRO A 383 0.57 -16.00 -14.03
C PRO A 383 0.69 -15.37 -12.64
N GLY A 384 -0.45 -15.05 -12.06
CA GLY A 384 -0.55 -14.55 -10.71
C GLY A 384 -0.66 -13.05 -10.59
N THR A 385 -0.48 -12.29 -11.69
CA THR A 385 -0.56 -10.84 -11.62
C THR A 385 -1.98 -10.33 -11.41
N ASP A 386 -2.99 -11.20 -11.40
CA ASP A 386 -4.33 -10.81 -11.03
C ASP A 386 -4.66 -11.14 -9.58
N THR A 387 -3.68 -11.59 -8.80
CA THR A 387 -3.92 -11.95 -7.40
C THR A 387 -4.41 -10.76 -6.60
N ALA A 388 -3.75 -9.60 -6.77
CA ALA A 388 -4.04 -8.47 -5.90
C ALA A 388 -5.44 -7.92 -6.14
N ILE A 389 -5.82 -7.70 -7.42
CA ILE A 389 -7.16 -7.20 -7.69
C ILE A 389 -8.24 -8.16 -7.21
N GLN A 390 -8.00 -9.47 -7.35
CA GLN A 390 -8.96 -10.46 -6.87
C GLN A 390 -9.08 -10.41 -5.35
N GLN A 391 -7.95 -10.26 -4.65
CA GLN A 391 -7.95 -10.31 -3.20
C GLN A 391 -8.64 -9.10 -2.58
N LEU A 392 -8.53 -7.93 -3.23
CA LEU A 392 -9.21 -6.74 -2.72
C LEU A 392 -10.71 -6.90 -2.71
N SER A 393 -11.25 -7.67 -3.66
CA SER A 393 -12.69 -7.78 -3.87
C SER A 393 -13.18 -9.21 -3.66
N LEU A 394 -12.46 -9.99 -2.85
CA LEU A 394 -12.74 -11.42 -2.73
C LEU A 394 -14.16 -11.70 -2.27
N ASN A 395 -14.69 -10.89 -1.37
CA ASN A 395 -16.03 -11.04 -0.83
C ASN A 395 -16.61 -9.66 -0.61
N THR A 396 -17.93 -9.59 -0.51
CA THR A 396 -18.59 -8.32 -0.21
C THR A 396 -18.02 -7.78 1.09
N PRO A 397 -17.58 -6.52 1.11
CA PRO A 397 -16.88 -6.02 2.31
C PRO A 397 -17.81 -5.73 3.48
N THR A 398 -17.19 -5.64 4.66
CA THR A 398 -17.81 -5.22 5.90
C THR A 398 -17.09 -3.96 6.34
N PRO A 399 -17.58 -3.25 7.36
CA PRO A 399 -16.79 -2.11 7.87
C PRO A 399 -15.37 -2.50 8.25
N ASN A 400 -15.14 -3.73 8.73
CA ASN A 400 -13.80 -4.15 9.11
C ASN A 400 -12.90 -4.40 7.90
N SER A 401 -13.45 -4.52 6.69
CA SER A 401 -12.63 -4.81 5.52
C SER A 401 -12.71 -3.71 4.46
N ARG A 402 -13.22 -2.53 4.81
CA ARG A 402 -13.22 -1.39 3.89
C ARG A 402 -11.84 -0.79 3.72
N GLY A 403 -11.02 -0.80 4.76
CA GLY A 403 -9.79 -0.05 4.82
C GLY A 403 -9.72 0.68 6.14
N LEU A 404 -8.90 1.72 6.20
CA LEU A 404 -8.73 2.48 7.43
C LEU A 404 -8.73 3.96 7.10
N ARG A 405 -9.14 4.79 8.06
CA ARG A 405 -9.07 6.24 7.89
C ARG A 405 -8.83 6.84 9.27
N PHE A 406 -7.56 7.04 9.61
CA PHE A 406 -7.16 7.58 10.91
C PHE A 406 -6.29 8.80 10.72
N GLY A 407 -6.63 9.88 11.42
CA GLY A 407 -5.75 11.03 11.46
C GLY A 407 -4.48 10.71 12.25
N ASN A 408 -3.39 11.35 11.85
CA ASN A 408 -2.08 11.10 12.47
C ASN A 408 -1.60 9.66 12.31
N PHE A 409 -2.13 8.93 11.33
CA PHE A 409 -1.69 7.55 11.17
C PHE A 409 -0.25 7.45 10.70
N VAL A 410 0.31 8.50 10.09
CA VAL A 410 1.74 8.50 9.78
C VAL A 410 2.55 8.22 11.04
N GLN A 411 2.20 8.91 12.13
CA GLN A 411 2.89 8.73 13.40
C GLN A 411 2.54 7.39 14.04
N VAL A 412 1.27 6.96 13.92
CA VAL A 412 0.89 5.66 14.48
C VAL A 412 1.69 4.54 13.82
N ARG A 413 1.94 4.66 12.50
CA ARG A 413 2.71 3.65 11.81
C ARG A 413 4.08 3.45 12.46
N ASP A 414 4.73 4.56 12.86
CA ASP A 414 6.01 4.42 13.55
C ASP A 414 5.84 3.72 14.89
N VAL A 415 4.82 4.11 15.66
CA VAL A 415 4.50 3.44 16.92
C VAL A 415 4.38 1.94 16.72
N ILE A 416 3.55 1.51 15.75
CA ILE A 416 3.30 0.08 15.57
C ILE A 416 4.57 -0.64 15.16
N ASN A 417 5.35 -0.04 14.25
CA ASN A 417 6.61 -0.66 13.85
C ASN A 417 7.57 -0.81 15.03
N GLU A 418 7.66 0.22 15.88
CA GLU A 418 8.52 0.14 17.06
C GLU A 418 8.10 -1.00 17.96
N GLU A 419 6.80 -1.12 18.22
CA GLU A 419 6.34 -2.15 19.14
C GLU A 419 6.50 -3.54 18.56
N LEU A 420 6.24 -3.69 17.25
CA LEU A 420 6.49 -4.99 16.63
C LEU A 420 7.97 -5.36 16.68
N GLU A 421 8.86 -4.38 16.51
CA GLU A 421 10.28 -4.66 16.61
C GLU A 421 10.63 -5.16 18.01
N ALA A 422 9.96 -4.64 19.04
CA ALA A 422 10.17 -5.15 20.39
C ALA A 422 9.75 -6.60 20.52
N VAL A 423 8.72 -7.01 19.78
CA VAL A 423 8.34 -8.43 19.77
C VAL A 423 9.43 -9.27 19.12
N TRP A 424 9.91 -8.87 17.94
CA TRP A 424 10.91 -9.67 17.26
C TRP A 424 12.20 -9.76 18.04
N ALA A 425 12.54 -8.71 18.80
CA ALA A 425 13.73 -8.71 19.61
C ALA A 425 13.58 -9.51 20.90
N GLY A 426 12.38 -10.00 21.19
CA GLY A 426 12.14 -10.74 22.41
C GLY A 426 12.04 -9.88 23.65
N ASP A 427 11.85 -8.57 23.49
CA ASP A 427 11.79 -7.64 24.60
C ASP A 427 10.39 -7.48 25.17
N LYS A 428 9.35 -7.76 24.38
CA LYS A 428 7.97 -7.66 24.79
C LYS A 428 7.19 -8.82 24.19
N SER A 429 6.19 -9.30 24.91
CA SER A 429 5.21 -10.19 24.30
C SER A 429 4.36 -9.38 23.33
N ALA A 430 3.71 -10.08 22.39
CA ALA A 430 2.82 -9.37 21.47
C ALA A 430 1.66 -8.73 22.19
N THR A 431 1.13 -9.37 23.24
CA THR A 431 0.03 -8.77 23.99
C THR A 431 0.44 -7.42 24.55
N ASP A 432 1.61 -7.34 25.18
CA ASP A 432 2.07 -6.08 25.76
C ASP A 432 2.44 -5.07 24.68
N ALA A 433 3.10 -5.52 23.61
CA ALA A 433 3.50 -4.61 22.55
C ALA A 433 2.29 -3.98 21.88
N LEU A 434 1.25 -4.78 21.60
CA LEU A 434 0.06 -4.25 20.95
C LEU A 434 -0.72 -3.34 21.88
N ASN A 435 -0.76 -3.67 23.18
CA ASN A 435 -1.42 -2.78 24.13
C ASN A 435 -0.70 -1.43 24.18
N ALA A 436 0.64 -1.45 24.16
CA ALA A 436 1.39 -0.21 24.14
C ALA A 436 1.15 0.55 22.84
N ALA A 437 1.09 -0.17 21.71
CA ALA A 437 0.87 0.50 20.43
C ALA A 437 -0.51 1.13 20.38
N ALA A 438 -1.52 0.44 20.91
CA ALA A 438 -2.87 1.00 20.93
C ALA A 438 -2.95 2.21 21.85
N GLU A 439 -2.27 2.14 23.00
CA GLU A 439 -2.29 3.27 23.94
C GLU A 439 -1.61 4.49 23.34
N ARG A 440 -0.39 4.31 22.81
CA ARG A 440 0.33 5.41 22.18
C ARG A 440 -0.41 5.91 20.94
N GLY A 441 -0.97 4.99 20.15
CA GLY A 441 -1.75 5.40 18.99
C GLY A 441 -2.97 6.22 19.38
N ASN A 442 -3.64 5.84 20.48
CA ASN A 442 -4.83 6.56 20.89
C ASN A 442 -4.51 8.00 21.25
N THR A 443 -3.36 8.22 21.90
CA THR A 443 -2.92 9.58 22.18
C THR A 443 -2.84 10.40 20.90
N LEU A 444 -2.32 9.79 19.82
CA LEU A 444 -2.24 10.49 18.54
C LEU A 444 -3.61 10.73 17.92
N LEU A 445 -4.51 9.76 18.05
CA LEU A 445 -5.89 9.95 17.58
C LEU A 445 -6.57 11.10 18.32
N ARG A 446 -6.37 11.19 19.64
CA ARG A 446 -6.96 12.31 20.39
C ARG A 446 -6.37 13.64 19.98
N LYS A 447 -5.06 13.69 19.75
CA LYS A 447 -4.44 14.91 19.25
C LYS A 447 -5.07 15.34 17.94
N PHE A 448 -5.29 14.38 17.03
CA PHE A 448 -5.92 14.71 15.77
C PHE A 448 -7.34 15.22 15.98
N GLU A 449 -8.10 14.57 16.87
CA GLU A 449 -9.48 14.96 17.06
C GLU A 449 -9.58 16.36 17.64
N ARG A 450 -8.66 16.71 18.54
CA ARG A 450 -8.66 18.06 19.12
C ARG A 450 -8.40 19.13 18.08
N SER A 451 -7.52 18.86 17.11
CA SER A 451 -7.19 19.85 16.09
C SER A 451 -8.17 19.86 14.94
N ALA A 452 -8.87 18.75 14.70
CA ALA A 452 -9.79 18.67 13.58
C ALA A 452 -11.13 19.34 13.84
N LYS A 453 -11.20 20.21 14.85
CA LYS A 453 -12.39 21.02 15.10
C LYS A 453 -12.02 22.51 15.12
O1 G3P B . 1.75 2.46 3.53
C1 G3P B . 2.41 1.96 2.38
C2 G3P B . 1.87 0.57 2.04
O2 G3P B . 0.54 0.67 1.61
C3 G3P B . 2.70 -0.07 0.91
O1P G3P B . 2.76 0.86 -0.17
O4P G3P B . 3.38 1.51 -2.57
O2P G3P B . 2.21 -0.76 -2.20
O3P G3P B . 4.56 -0.43 -1.47
P G3P B . 3.21 0.27 -1.65
#